data_7N89
#
_entry.id   7N89
#
_cell.length_a   47.654
_cell.length_b   54.104
_cell.length_c   60.496
_cell.angle_alpha   66.88
_cell.angle_beta   79.02
_cell.angle_gamma   88.52
#
_symmetry.space_group_name_H-M   'P 1'
#
loop_
_entity.id
_entity.type
_entity.pdbx_description
1 polymer '3C-like proteinase'
2 polymer ACE-SER-ALA-VAL-LEU-GLN-SER-GLY-PHE-NH2
3 water water
#
loop_
_entity_poly.entity_id
_entity_poly.type
_entity_poly.pdbx_seq_one_letter_code
_entity_poly.pdbx_strand_id
1 'polypeptide(L)'
;SGFRKMAFPSGKVEGCMVQVTCGTTTLNGLWLDDVVYCPRHVICTSEDMLNPNYEDLLIRKSNHNFLVQAGNVQLRVIGH
SMQNCVLKLKVDTANPKTPKYKFVRIQPGQTFSVLACYNGSPSGVYQCAMRPNFTIKGSFLNGSAGSVGFNIDYDCVSFC
YMHHMELPTGVHAGTDLEGNFYGPFVDRQTAQAAGTDTTITVNVLAWLYAAVINGDRWFLNRFTTTLNDFNLVAMKYNYE
PLTQDHVDILGPLSAQTGIAVLDMCASLKELLQNGMNGRTILGSALLEDEFTPFDVVRQCSGVTFQ
;
A,B
2 'polypeptide(L)' (ACE)SAVLQSGF(NH2) C,D
#
loop_
_chem_comp.id
_chem_comp.type
_chem_comp.name
_chem_comp.formula
ACE non-polymer 'ACETYL GROUP' 'C2 H4 O'
NH2 non-polymer 'AMINO GROUP' 'H2 N'
#
# COMPACT_ATOMS: atom_id res chain seq x y z
N SER A 1 -7.48 13.66 8.48
CA SER A 1 -6.29 14.20 7.82
C SER A 1 -5.31 13.09 7.50
N GLY A 2 -4.23 13.46 6.81
CA GLY A 2 -3.22 12.51 6.40
C GLY A 2 -3.35 12.13 4.93
N PHE A 3 -2.27 11.61 4.37
CA PHE A 3 -2.28 11.20 2.97
C PHE A 3 -1.25 10.10 2.79
N ARG A 4 -1.71 8.95 2.31
CA ARG A 4 -0.89 7.77 2.17
C ARG A 4 -1.05 7.20 0.77
N LYS A 5 -0.01 6.51 0.29
CA LYS A 5 -0.10 5.74 -0.94
C LYS A 5 -1.02 4.53 -0.72
N MET A 6 -2.30 4.71 -1.00
CA MET A 6 -3.33 3.77 -0.60
C MET A 6 -3.67 2.83 -1.75
N ALA A 7 -3.76 1.54 -1.45
CA ALA A 7 -4.15 0.54 -2.43
C ALA A 7 -5.60 0.11 -2.21
N PHE A 8 -6.18 -0.47 -3.25
CA PHE A 8 -7.51 -1.05 -3.12
C PHE A 8 -7.47 -2.29 -2.24
N PRO A 9 -8.54 -2.57 -1.49
CA PRO A 9 -8.62 -3.84 -0.79
C PRO A 9 -8.57 -4.99 -1.80
N SER A 10 -7.81 -6.02 -1.47
CA SER A 10 -7.45 -7.06 -2.43
C SER A 10 -8.25 -8.34 -2.28
N GLY A 11 -9.22 -8.39 -1.36
CA GLY A 11 -9.90 -9.65 -1.06
C GLY A 11 -10.52 -10.30 -2.28
N LYS A 12 -11.18 -9.51 -3.13
CA LYS A 12 -11.89 -10.06 -4.29
C LYS A 12 -10.93 -10.67 -5.31
N VAL A 13 -9.69 -10.17 -5.37
CA VAL A 13 -8.69 -10.69 -6.31
C VAL A 13 -7.97 -11.92 -5.74
N GLU A 14 -7.74 -11.95 -4.42
CA GLU A 14 -6.99 -13.05 -3.82
C GLU A 14 -7.62 -14.41 -4.12
N GLY A 15 -8.94 -14.48 -4.12
CA GLY A 15 -9.65 -15.70 -4.39
C GLY A 15 -9.66 -16.14 -5.83
N CYS A 16 -9.01 -15.38 -6.73
CA CYS A 16 -8.89 -15.75 -8.13
C CYS A 16 -7.49 -16.20 -8.51
N MET A 17 -6.51 -16.10 -7.62
CA MET A 17 -5.14 -16.44 -7.94
C MET A 17 -4.91 -17.94 -7.78
N VAL A 18 -4.23 -18.52 -8.77
CA VAL A 18 -3.87 -19.93 -8.76
C VAL A 18 -2.44 -20.08 -9.25
N GLN A 19 -1.88 -21.26 -8.98
CA GLN A 19 -0.55 -21.62 -9.45
C GLN A 19 -0.66 -22.41 -10.74
N VAL A 20 0.15 -22.06 -11.73
CA VAL A 20 0.21 -22.75 -13.01
C VAL A 20 1.62 -23.29 -13.20
N THR A 21 1.74 -24.60 -13.43
CA THR A 21 3.03 -25.22 -13.67
C THR A 21 2.99 -25.99 -14.98
N CYS A 22 4.03 -25.82 -15.78
CA CYS A 22 4.24 -26.60 -17.00
C CYS A 22 5.69 -27.06 -17.01
N GLY A 23 5.89 -28.35 -16.76
CA GLY A 23 7.24 -28.86 -16.58
C GLY A 23 7.86 -28.34 -15.29
N THR A 24 9.00 -27.66 -15.41
CA THR A 24 9.66 -27.05 -14.26
C THR A 24 9.36 -25.56 -14.13
N THR A 25 8.59 -24.99 -15.04
CA THR A 25 8.31 -23.56 -15.06
C THR A 25 6.98 -23.31 -14.36
N THR A 26 7.00 -22.49 -13.32
CA THR A 26 5.80 -22.16 -12.55
C THR A 26 5.59 -20.65 -12.53
N LEU A 27 4.33 -20.23 -12.61
CA LEU A 27 3.96 -18.84 -12.41
C LEU A 27 2.51 -18.79 -11.93
N ASN A 28 1.95 -17.58 -11.89
CA ASN A 28 0.61 -17.37 -11.35
C ASN A 28 -0.41 -17.25 -12.48
N GLY A 29 -1.65 -17.66 -12.18
CA GLY A 29 -2.74 -17.54 -13.11
C GLY A 29 -3.93 -16.87 -12.47
N LEU A 30 -4.79 -16.33 -13.32
CA LEU A 30 -6.02 -15.65 -12.90
C LEU A 30 -7.21 -16.52 -13.28
N TRP A 31 -7.95 -16.98 -12.29
CA TRP A 31 -9.04 -17.94 -12.48
C TRP A 31 -10.38 -17.22 -12.35
N LEU A 32 -11.06 -17.04 -13.49
CA LEU A 32 -12.37 -16.42 -13.54
C LEU A 32 -13.32 -17.33 -14.30
N ASP A 33 -14.49 -17.60 -13.71
CA ASP A 33 -15.44 -18.58 -14.26
C ASP A 33 -14.67 -19.89 -14.45
N ASP A 34 -14.72 -20.52 -15.62
CA ASP A 34 -14.02 -21.79 -15.84
C ASP A 34 -12.75 -21.62 -16.67
N VAL A 35 -12.12 -20.45 -16.63
CA VAL A 35 -10.94 -20.14 -17.43
C VAL A 35 -9.81 -19.63 -16.53
N VAL A 36 -8.59 -20.06 -16.82
CA VAL A 36 -7.39 -19.56 -16.15
C VAL A 36 -6.54 -18.82 -17.18
N TYR A 37 -6.20 -17.57 -16.87
CA TYR A 37 -5.34 -16.75 -17.72
C TYR A 37 -3.94 -16.68 -17.11
N CYS A 38 -2.92 -16.86 -17.93
CA CYS A 38 -1.55 -16.79 -17.45
C CYS A 38 -0.65 -16.37 -18.60
N PRO A 39 0.51 -15.76 -18.30
CA PRO A 39 1.45 -15.41 -19.38
C PRO A 39 1.84 -16.66 -20.16
N ARG A 40 1.95 -16.51 -21.48
CA ARG A 40 2.21 -17.68 -22.32
C ARG A 40 3.63 -18.22 -22.15
N HIS A 41 4.55 -17.44 -21.56
CA HIS A 41 5.89 -17.99 -21.46
C HIS A 41 6.02 -19.06 -20.38
N VAL A 42 4.93 -19.44 -19.73
CA VAL A 42 4.96 -20.61 -18.85
C VAL A 42 5.38 -21.87 -19.59
N ILE A 43 5.19 -21.91 -20.92
CA ILE A 43 5.55 -23.10 -21.70
C ILE A 43 7.01 -23.14 -22.10
N CYS A 44 7.83 -22.19 -21.65
CA CYS A 44 9.24 -22.17 -22.00
C CYS A 44 10.08 -22.87 -20.94
N THR A 45 11.15 -23.51 -21.40
CA THR A 45 12.25 -23.82 -20.51
C THR A 45 13.19 -22.62 -20.44
N SER A 46 14.20 -22.70 -19.57
CA SER A 46 15.15 -21.61 -19.44
C SER A 46 15.92 -21.37 -20.73
N GLU A 47 16.05 -22.38 -21.59
CA GLU A 47 16.79 -22.24 -22.83
C GLU A 47 15.95 -21.61 -23.94
N ASP A 48 14.63 -21.77 -23.89
CA ASP A 48 13.78 -21.23 -24.95
C ASP A 48 13.60 -19.73 -24.87
N MET A 49 14.04 -19.09 -23.79
CA MET A 49 13.57 -17.74 -23.48
C MET A 49 14.28 -16.63 -24.24
N LEU A 50 15.39 -16.93 -24.93
CA LEU A 50 16.03 -15.89 -25.73
C LEU A 50 15.35 -15.71 -27.09
N ASN A 51 14.99 -16.80 -27.75
CA ASN A 51 14.37 -16.75 -29.08
C ASN A 51 13.23 -17.77 -29.15
N PRO A 52 12.15 -17.54 -28.41
CA PRO A 52 11.07 -18.53 -28.35
C PRO A 52 10.14 -18.40 -29.56
N ASN A 53 9.85 -19.54 -30.19
CA ASN A 53 8.78 -19.64 -31.17
C ASN A 53 7.62 -20.34 -30.46
N TYR A 54 6.64 -19.55 -30.01
CA TYR A 54 5.59 -20.10 -29.17
C TYR A 54 4.70 -21.07 -29.95
N GLU A 55 4.50 -20.85 -31.25
CA GLU A 55 3.74 -21.81 -32.05
C GLU A 55 4.43 -23.17 -32.09
N ASP A 56 5.76 -23.18 -32.22
CA ASP A 56 6.50 -24.44 -32.19
C ASP A 56 6.45 -25.07 -30.81
N LEU A 57 6.53 -24.26 -29.75
CA LEU A 57 6.52 -24.80 -28.40
C LEU A 57 5.19 -25.46 -28.06
N LEU A 58 4.09 -24.96 -28.65
CA LEU A 58 2.78 -25.53 -28.37
C LEU A 58 2.58 -26.90 -28.98
N ILE A 59 3.42 -27.29 -29.96
CA ILE A 59 3.21 -28.55 -30.66
C ILE A 59 3.32 -29.74 -29.71
N ARG A 60 4.30 -29.69 -28.79
CA ARG A 60 4.48 -30.78 -27.85
C ARG A 60 3.91 -30.46 -26.47
N LYS A 61 2.81 -29.70 -26.43
CA LYS A 61 2.10 -29.41 -25.19
C LYS A 61 0.67 -29.90 -25.31
N SER A 62 0.23 -30.69 -24.33
CA SER A 62 -1.13 -31.18 -24.25
C SER A 62 -1.79 -30.66 -22.98
N ASN A 63 -3.10 -30.91 -22.86
CA ASN A 63 -3.84 -30.45 -21.69
C ASN A 63 -3.20 -30.97 -20.39
N HIS A 64 -2.82 -32.24 -20.37
CA HIS A 64 -2.30 -32.82 -19.13
C HIS A 64 -0.88 -32.38 -18.80
N ASN A 65 -0.27 -31.51 -19.60
CA ASN A 65 1.02 -30.93 -19.28
C ASN A 65 0.93 -29.71 -18.37
N PHE A 66 -0.26 -29.16 -18.20
CA PHE A 66 -0.49 -28.01 -17.33
C PHE A 66 -1.05 -28.49 -16.00
N LEU A 67 -0.38 -28.13 -14.91
CA LEU A 67 -0.83 -28.46 -13.56
C LEU A 67 -1.28 -27.17 -12.90
N VAL A 68 -2.55 -27.12 -12.49
CA VAL A 68 -3.17 -25.90 -11.98
C VAL A 68 -3.69 -26.18 -10.58
N GLN A 69 -3.22 -25.40 -9.61
CA GLN A 69 -3.53 -25.60 -8.20
C GLN A 69 -4.15 -24.33 -7.63
N ALA A 70 -5.34 -24.45 -7.05
CA ALA A 70 -5.99 -23.36 -6.33
C ALA A 70 -5.88 -23.67 -4.84
N GLY A 71 -4.68 -23.45 -4.30
CA GLY A 71 -4.37 -23.88 -2.95
C GLY A 71 -4.35 -25.39 -2.83
N ASN A 72 -5.25 -25.94 -2.03
CA ASN A 72 -5.38 -27.39 -1.91
C ASN A 72 -6.20 -28.00 -3.04
N VAL A 73 -7.02 -27.20 -3.72
CA VAL A 73 -7.89 -27.71 -4.77
C VAL A 73 -7.09 -27.87 -6.06
N GLN A 74 -7.27 -29.00 -6.73
CA GLN A 74 -6.65 -29.26 -8.02
C GLN A 74 -7.66 -29.01 -9.13
N LEU A 75 -7.22 -28.33 -10.19
CA LEU A 75 -8.06 -28.01 -11.33
C LEU A 75 -7.59 -28.79 -12.54
N ARG A 76 -8.51 -29.49 -13.19
CA ARG A 76 -8.20 -30.28 -14.37
C ARG A 76 -8.37 -29.42 -15.61
N VAL A 77 -7.32 -29.34 -16.42
CA VAL A 77 -7.35 -28.56 -17.66
C VAL A 77 -7.94 -29.41 -18.77
N ILE A 78 -9.04 -28.93 -19.36
CA ILE A 78 -9.76 -29.64 -20.41
C ILE A 78 -9.62 -28.94 -21.75
N GLY A 79 -8.91 -27.83 -21.80
CA GLY A 79 -8.61 -27.17 -23.05
C GLY A 79 -7.56 -26.10 -22.82
N HIS A 80 -6.92 -25.69 -23.90
CA HIS A 80 -5.99 -24.57 -23.82
C HIS A 80 -5.85 -23.94 -25.20
N SER A 81 -5.55 -22.65 -25.20
CA SER A 81 -5.36 -21.91 -26.44
C SER A 81 -4.55 -20.67 -26.12
N MET A 82 -3.79 -20.21 -27.10
CA MET A 82 -2.97 -19.02 -26.98
C MET A 82 -3.72 -17.83 -27.59
N GLN A 83 -3.80 -16.74 -26.83
CA GLN A 83 -4.46 -15.53 -27.29
C GLN A 83 -3.49 -14.37 -27.05
N ASN A 84 -2.88 -13.88 -28.12
CA ASN A 84 -1.83 -12.86 -28.05
C ASN A 84 -0.74 -13.41 -27.16
N CYS A 85 -0.38 -12.75 -26.06
CA CYS A 85 0.73 -13.19 -25.22
C CYS A 85 0.27 -13.88 -23.93
N VAL A 86 -0.98 -14.33 -23.88
CA VAL A 86 -1.46 -15.09 -22.72
C VAL A 86 -2.00 -16.42 -23.20
N LEU A 87 -2.02 -17.37 -22.26
CA LEU A 87 -2.69 -18.65 -22.44
C LEU A 87 -4.02 -18.63 -21.70
N LYS A 88 -5.03 -19.24 -22.30
CA LYS A 88 -6.34 -19.40 -21.69
C LYS A 88 -6.55 -20.89 -21.42
N LEU A 89 -6.49 -21.26 -20.14
CA LEU A 89 -6.66 -22.66 -19.74
C LEU A 89 -8.12 -22.88 -19.36
N LYS A 90 -8.81 -23.71 -20.15
CA LYS A 90 -10.17 -24.12 -19.83
C LYS A 90 -10.10 -25.23 -18.79
N VAL A 91 -10.71 -24.99 -17.63
CA VAL A 91 -10.66 -25.96 -16.53
C VAL A 91 -12.06 -26.49 -16.28
N ASP A 92 -12.13 -27.61 -15.58
CA ASP A 92 -13.39 -28.34 -15.37
C ASP A 92 -14.25 -27.74 -14.27
N THR A 93 -13.80 -26.70 -13.57
CA THR A 93 -14.52 -26.16 -12.43
C THR A 93 -14.56 -24.65 -12.54
N ALA A 94 -15.77 -24.08 -12.52
CA ALA A 94 -15.92 -22.64 -12.47
C ALA A 94 -15.59 -22.13 -11.06
N ASN A 95 -14.80 -21.06 -11.00
CA ASN A 95 -14.40 -20.44 -9.73
C ASN A 95 -15.63 -19.94 -8.98
N PRO A 96 -15.95 -20.53 -7.82
CA PRO A 96 -17.11 -20.05 -7.06
C PRO A 96 -16.90 -18.66 -6.47
N LYS A 97 -15.66 -18.18 -6.37
CA LYS A 97 -15.35 -16.87 -5.85
C LYS A 97 -15.25 -15.81 -6.94
N THR A 98 -15.71 -16.10 -8.15
CA THR A 98 -15.61 -15.16 -9.26
C THR A 98 -16.36 -13.87 -8.94
N PRO A 99 -15.71 -12.73 -8.92
CA PRO A 99 -16.41 -11.47 -8.70
C PRO A 99 -17.01 -10.96 -10.00
N LYS A 100 -17.85 -9.92 -9.87
CA LYS A 100 -18.21 -9.15 -11.04
C LYS A 100 -16.97 -8.39 -11.51
N TYR A 101 -16.64 -8.53 -12.79
CA TYR A 101 -15.36 -8.02 -13.27
C TYR A 101 -15.50 -7.52 -14.70
N LYS A 102 -14.53 -6.71 -15.10
CA LYS A 102 -14.36 -6.30 -16.49
C LYS A 102 -12.88 -6.34 -16.81
N PHE A 103 -12.57 -6.50 -18.09
CA PHE A 103 -11.22 -6.27 -18.59
C PHE A 103 -11.15 -4.87 -19.16
N VAL A 104 -10.20 -4.08 -18.67
CA VAL A 104 -10.04 -2.69 -19.07
C VAL A 104 -8.61 -2.50 -19.54
N ARG A 105 -8.40 -1.69 -20.56
CA ARG A 105 -7.06 -1.26 -20.93
C ARG A 105 -6.84 0.16 -20.44
N ILE A 106 -5.86 0.33 -19.57
CA ILE A 106 -5.58 1.65 -19.00
C ILE A 106 -4.65 2.41 -19.93
N GLN A 107 -4.57 3.71 -19.70
CA GLN A 107 -3.74 4.64 -20.44
C GLN A 107 -2.66 5.20 -19.53
N PRO A 108 -1.55 5.67 -20.09
CA PRO A 108 -0.49 6.26 -19.27
C PRO A 108 -1.02 7.37 -18.38
N GLY A 109 -0.56 7.38 -17.13
CA GLY A 109 -0.99 8.33 -16.15
C GLY A 109 -2.00 7.80 -15.15
N GLN A 110 -2.75 6.78 -15.53
CA GLN A 110 -3.72 6.17 -14.62
C GLN A 110 -3.02 5.24 -13.64
N THR A 111 -3.64 5.03 -12.49
CA THR A 111 -3.08 4.24 -11.41
C THR A 111 -3.92 2.97 -11.19
N PHE A 112 -3.32 2.02 -10.49
CA PHE A 112 -4.00 0.77 -10.14
C PHE A 112 -3.22 0.11 -9.00
N SER A 113 -3.85 -0.87 -8.37
CA SER A 113 -3.20 -1.69 -7.35
C SER A 113 -2.68 -2.99 -7.97
N VAL A 114 -1.57 -3.47 -7.42
CA VAL A 114 -0.96 -4.73 -7.84
C VAL A 114 -1.00 -5.69 -6.66
N LEU A 115 -1.49 -6.90 -6.91
CA LEU A 115 -1.42 -7.99 -5.93
C LEU A 115 -0.26 -8.91 -6.35
N ALA A 116 0.89 -8.71 -5.74
CA ALA A 116 2.07 -9.53 -6.06
C ALA A 116 1.94 -10.91 -5.43
N CYS A 117 2.11 -11.95 -6.24
CA CYS A 117 1.92 -13.33 -5.81
C CYS A 117 3.13 -14.17 -6.21
N TYR A 118 3.34 -15.26 -5.47
CA TYR A 118 4.32 -16.28 -5.79
C TYR A 118 3.67 -17.63 -5.51
N ASN A 119 3.82 -18.55 -6.46
CA ASN A 119 3.20 -19.87 -6.39
C ASN A 119 1.70 -19.77 -6.08
N GLY A 120 1.04 -18.86 -6.78
CA GLY A 120 -0.39 -18.66 -6.62
C GLY A 120 -0.86 -18.15 -5.27
N SER A 121 0.06 -17.74 -4.39
CA SER A 121 -0.28 -17.25 -3.06
C SER A 121 0.09 -15.78 -2.93
N PRO A 122 -0.79 -14.97 -2.31
CA PRO A 122 -0.52 -13.53 -2.21
C PRO A 122 0.67 -13.21 -1.31
N SER A 123 1.44 -12.22 -1.74
CA SER A 123 2.58 -11.73 -0.97
C SER A 123 2.36 -10.32 -0.44
N GLY A 124 1.73 -9.44 -1.20
CA GLY A 124 1.54 -8.06 -0.78
C GLY A 124 0.81 -7.28 -1.85
N VAL A 125 0.29 -6.13 -1.43
CA VAL A 125 -0.46 -5.24 -2.31
C VAL A 125 0.21 -3.87 -2.26
N TYR A 126 0.27 -3.20 -3.41
CA TYR A 126 0.80 -1.85 -3.48
C TYR A 126 0.20 -1.13 -4.68
N GLN A 127 0.27 0.21 -4.64
CA GLN A 127 -0.31 1.06 -5.66
C GLN A 127 0.78 1.59 -6.60
N CYS A 128 0.48 1.60 -7.92
CA CYS A 128 1.41 1.99 -8.97
CA CYS A 128 1.44 2.17 -8.85
C CYS A 128 0.71 2.88 -9.98
N ALA A 129 1.50 3.50 -10.85
CA ALA A 129 1.00 4.25 -11.99
C ALA A 129 1.61 3.68 -13.27
N MET A 130 0.80 3.65 -14.33
CA MET A 130 1.32 3.36 -15.65
C MET A 130 2.14 4.55 -16.13
N ARG A 131 3.43 4.35 -16.33
CA ARG A 131 4.31 5.45 -16.72
C ARG A 131 4.03 5.87 -18.16
N PRO A 132 4.39 7.11 -18.52
CA PRO A 132 4.19 7.55 -19.91
C PRO A 132 4.92 6.71 -20.95
N ASN A 133 5.96 5.96 -20.57
CA ASN A 133 6.62 5.07 -21.51
C ASN A 133 6.08 3.64 -21.45
N PHE A 134 4.95 3.43 -20.75
CA PHE A 134 4.23 2.16 -20.68
C PHE A 134 4.95 1.11 -19.84
N THR A 135 5.80 1.53 -18.91
CA THR A 135 6.33 0.64 -17.88
C THR A 135 5.66 0.97 -16.56
N ILE A 136 5.92 0.12 -15.57
CA ILE A 136 5.51 0.37 -14.20
C ILE A 136 6.72 0.18 -13.29
N LYS A 137 6.77 0.98 -12.23
CA LYS A 137 7.87 0.91 -11.27
C LYS A 137 7.38 0.07 -10.09
N GLY A 138 7.44 -1.25 -10.27
CA GLY A 138 6.86 -2.18 -9.33
C GLY A 138 7.89 -2.84 -8.45
N SER A 139 7.47 -3.92 -7.79
CA SER A 139 8.35 -4.74 -6.95
C SER A 139 8.03 -6.19 -7.29
N PHE A 140 8.88 -6.80 -8.12
CA PHE A 140 8.63 -8.13 -8.65
C PHE A 140 9.92 -8.94 -8.62
N LEU A 141 9.80 -10.21 -8.27
CA LEU A 141 10.91 -11.15 -8.31
C LEU A 141 10.57 -12.25 -9.29
N ASN A 142 11.56 -13.11 -9.57
CA ASN A 142 11.32 -14.32 -10.34
C ASN A 142 10.19 -15.13 -9.70
N GLY A 143 9.25 -15.57 -10.50
CA GLY A 143 8.09 -16.30 -10.00
C GLY A 143 6.84 -15.44 -9.85
N SER A 144 6.94 -14.13 -10.06
CA SER A 144 5.80 -13.23 -9.88
C SER A 144 4.99 -13.02 -11.15
N ALA A 145 5.47 -13.49 -12.30
CA ALA A 145 4.71 -13.35 -13.53
C ALA A 145 3.31 -13.93 -13.35
N GLY A 146 2.32 -13.25 -13.92
CA GLY A 146 0.94 -13.64 -13.74
C GLY A 146 0.23 -12.90 -12.64
N SER A 147 0.96 -12.16 -11.79
CA SER A 147 0.32 -11.23 -10.87
C SER A 147 -0.44 -10.17 -11.66
N VAL A 148 -1.51 -9.65 -11.08
CA VAL A 148 -2.43 -8.79 -11.82
C VAL A 148 -2.56 -7.44 -11.14
N GLY A 149 -2.79 -6.42 -11.96
CA GLY A 149 -3.17 -5.10 -11.49
C GLY A 149 -4.66 -4.87 -11.69
N PHE A 150 -5.26 -4.10 -10.78
CA PHE A 150 -6.70 -3.96 -10.79
C PHE A 150 -7.11 -2.61 -10.22
N ASN A 151 -8.33 -2.20 -10.55
CA ASN A 151 -9.05 -1.14 -9.88
C ASN A 151 -10.39 -1.70 -9.42
N ILE A 152 -11.00 -1.05 -8.43
CA ILE A 152 -12.35 -1.38 -7.99
C ILE A 152 -13.24 -0.15 -8.18
N ASP A 153 -14.39 -0.36 -8.83
CA ASP A 153 -15.38 0.69 -9.04
C ASP A 153 -16.73 0.16 -8.61
N TYR A 154 -17.31 0.77 -7.57
CA TYR A 154 -18.59 0.34 -7.02
C TYR A 154 -18.46 -1.12 -6.57
N ASP A 155 -19.03 -2.04 -7.35
CA ASP A 155 -19.01 -3.46 -7.02
C ASP A 155 -18.17 -4.29 -7.99
N CYS A 156 -17.55 -3.66 -8.98
CA CYS A 156 -16.92 -4.36 -10.10
C CYS A 156 -15.40 -4.22 -10.03
N VAL A 157 -14.70 -5.36 -10.09
CA VAL A 157 -13.24 -5.37 -10.15
C VAL A 157 -12.83 -5.20 -11.61
N SER A 158 -12.00 -4.20 -11.89
CA SER A 158 -11.54 -3.93 -13.25
C SER A 158 -10.09 -4.37 -13.39
N PHE A 159 -9.87 -5.51 -14.06
CA PHE A 159 -8.53 -6.02 -14.31
C PHE A 159 -7.91 -5.27 -15.49
N CYS A 160 -6.70 -4.73 -15.28
CA CYS A 160 -6.05 -3.92 -16.31
C CYS A 160 -4.63 -4.37 -16.65
N TYR A 161 -3.99 -5.20 -15.83
CA TYR A 161 -2.57 -5.49 -16.00
C TYR A 161 -2.30 -6.94 -15.60
N MET A 162 -1.45 -7.61 -16.37
CA MET A 162 -0.89 -8.90 -15.98
C MET A 162 0.61 -8.84 -16.16
N HIS A 163 1.36 -9.21 -15.12
CA HIS A 163 2.81 -9.05 -15.12
C HIS A 163 3.50 -10.15 -15.92
N HIS A 164 4.53 -9.76 -16.69
CA HIS A 164 5.32 -10.70 -17.48
C HIS A 164 6.81 -10.64 -17.20
N MET A 165 7.42 -9.45 -17.23
CA MET A 165 8.87 -9.41 -17.28
C MET A 165 9.40 -8.12 -16.67
N GLU A 166 10.71 -8.15 -16.40
CA GLU A 166 11.43 -7.00 -15.87
C GLU A 166 12.45 -6.53 -16.91
N LEU A 167 12.53 -5.21 -17.09
CA LEU A 167 13.49 -4.62 -18.01
C LEU A 167 14.80 -4.30 -17.28
N PRO A 168 15.92 -4.26 -18.01
CA PRO A 168 17.23 -4.13 -17.35
C PRO A 168 17.35 -2.93 -16.43
N THR A 169 16.60 -1.86 -16.69
CA THR A 169 16.66 -0.66 -15.85
C THR A 169 15.89 -0.81 -14.54
N GLY A 170 15.39 -2.01 -14.23
CA GLY A 170 14.67 -2.23 -12.99
C GLY A 170 13.20 -1.90 -13.02
N VAL A 171 12.62 -1.68 -14.20
CA VAL A 171 11.20 -1.39 -14.33
C VAL A 171 10.52 -2.61 -14.94
N HIS A 172 9.19 -2.57 -14.97
CA HIS A 172 8.41 -3.77 -15.27
C HIS A 172 7.42 -3.51 -16.39
N ALA A 173 7.12 -4.58 -17.12
CA ALA A 173 6.27 -4.52 -18.31
C ALA A 173 5.33 -5.72 -18.33
N GLY A 174 4.12 -5.50 -18.81
CA GLY A 174 3.12 -6.55 -18.85
C GLY A 174 2.09 -6.26 -19.91
N THR A 175 1.04 -7.09 -19.91
CA THR A 175 -0.04 -7.03 -20.89
C THR A 175 -1.33 -6.62 -20.21
N ASP A 176 -2.32 -6.23 -21.03
CA ASP A 176 -3.69 -6.21 -20.54
C ASP A 176 -4.18 -7.66 -20.45
N LEU A 177 -5.45 -7.82 -20.07
CA LEU A 177 -5.99 -9.16 -19.89
C LEU A 177 -6.46 -9.80 -21.19
N GLU A 178 -6.34 -9.11 -22.32
CA GLU A 178 -6.50 -9.73 -23.63
C GLU A 178 -5.20 -10.27 -24.18
N GLY A 179 -4.08 -10.05 -23.49
CA GLY A 179 -2.79 -10.56 -23.90
C GLY A 179 -1.92 -9.59 -24.68
N ASN A 180 -2.35 -8.35 -24.87
CA ASN A 180 -1.62 -7.39 -25.68
C ASN A 180 -0.76 -6.51 -24.78
N PHE A 181 0.51 -6.37 -25.14
CA PHE A 181 1.47 -5.68 -24.28
C PHE A 181 1.13 -4.21 -24.15
N TYR A 182 1.43 -3.66 -22.97
CA TYR A 182 1.52 -2.21 -22.80
C TYR A 182 2.89 -1.77 -23.29
N GLY A 183 2.92 -0.98 -24.36
CA GLY A 183 4.17 -0.49 -24.89
C GLY A 183 4.76 -1.39 -25.97
N PRO A 184 5.93 -0.99 -26.48
CA PRO A 184 6.51 -1.70 -27.63
C PRO A 184 7.41 -2.87 -27.25
N PHE A 185 6.94 -3.71 -26.33
CA PHE A 185 7.74 -4.79 -25.79
C PHE A 185 7.23 -6.13 -26.29
N VAL A 186 8.12 -7.13 -26.27
CA VAL A 186 7.83 -8.51 -26.64
C VAL A 186 8.33 -9.42 -25.53
N ASP A 187 7.71 -10.60 -25.42
CA ASP A 187 8.01 -11.52 -24.33
C ASP A 187 9.12 -12.49 -24.75
N ARG A 188 10.33 -11.95 -24.80
CA ARG A 188 11.54 -12.74 -24.98
C ARG A 188 12.70 -12.02 -24.31
N GLN A 189 13.73 -12.78 -23.98
CA GLN A 189 14.85 -12.27 -23.18
C GLN A 189 15.89 -11.63 -24.09
N THR A 190 15.49 -10.50 -24.67
CA THR A 190 16.32 -9.69 -25.54
C THR A 190 16.47 -8.30 -24.94
N ALA A 191 17.50 -7.59 -25.39
CA ALA A 191 17.65 -6.18 -25.04
C ALA A 191 16.53 -5.39 -25.70
N GLN A 192 15.73 -4.69 -24.89
CA GLN A 192 14.59 -3.92 -25.37
C GLN A 192 14.62 -2.55 -24.72
N ALA A 193 14.54 -1.50 -25.52
CA ALA A 193 14.59 -0.14 -25.03
C ALA A 193 13.17 0.39 -24.81
N ALA A 194 12.95 1.02 -23.67
CA ALA A 194 11.74 1.77 -23.41
C ALA A 194 11.98 3.25 -23.71
N GLY A 195 10.89 3.98 -23.91
CA GLY A 195 11.01 5.41 -24.13
C GLY A 195 11.46 6.13 -22.87
N THR A 196 11.76 7.41 -23.04
CA THR A 196 12.11 8.25 -21.90
C THR A 196 10.91 8.39 -20.98
N ASP A 197 11.12 8.17 -19.69
CA ASP A 197 10.07 8.37 -18.70
C ASP A 197 9.94 9.85 -18.38
N THR A 198 8.72 10.38 -18.42
CA THR A 198 8.46 11.77 -18.07
C THR A 198 7.55 11.82 -16.85
N THR A 199 7.55 12.98 -16.19
CA THR A 199 6.76 13.18 -14.97
C THR A 199 5.34 13.57 -15.36
N ILE A 200 4.37 12.94 -14.70
CA ILE A 200 2.95 13.12 -15.02
C ILE A 200 2.48 14.40 -14.33
N THR A 201 2.39 15.48 -15.11
CA THR A 201 2.20 16.82 -14.53
C THR A 201 0.83 16.96 -13.87
N VAL A 202 -0.23 16.46 -14.52
CA VAL A 202 -1.56 16.63 -13.93
C VAL A 202 -1.64 15.93 -12.57
N ASN A 203 -0.96 14.79 -12.44
CA ASN A 203 -0.92 14.08 -11.15
C ASN A 203 -0.17 14.87 -10.09
N VAL A 204 0.94 15.50 -10.46
CA VAL A 204 1.67 16.33 -9.49
C VAL A 204 0.77 17.45 -8.98
N LEU A 205 0.00 18.06 -9.88
CA LEU A 205 -0.88 19.14 -9.48
C LEU A 205 -1.97 18.64 -8.54
N ALA A 206 -2.53 17.46 -8.81
CA ALA A 206 -3.55 16.89 -7.93
C ALA A 206 -3.00 16.61 -6.55
N TRP A 207 -1.73 16.20 -6.48
CA TRP A 207 -1.09 15.90 -5.21
C TRP A 207 -0.79 17.18 -4.43
N LEU A 208 -0.44 18.26 -5.14
CA LEU A 208 -0.32 19.57 -4.50
C LEU A 208 -1.66 20.04 -3.93
N TYR A 209 -2.76 19.77 -4.64
CA TYR A 209 -4.08 20.10 -4.07
C TYR A 209 -4.38 19.26 -2.84
N ALA A 210 -4.00 17.98 -2.85
CA ALA A 210 -4.14 17.15 -1.66
C ALA A 210 -3.38 17.75 -0.49
N ALA A 211 -2.21 18.33 -0.77
CA ALA A 211 -1.40 18.95 0.28
C ALA A 211 -2.16 20.11 0.92
N VAL A 212 -2.76 20.96 0.11
CA VAL A 212 -3.50 22.11 0.65
C VAL A 212 -4.67 21.61 1.49
N ILE A 213 -5.37 20.57 1.02
CA ILE A 213 -6.52 20.04 1.75
C ILE A 213 -6.09 19.59 3.15
N ASN A 214 -4.87 19.05 3.28
CA ASN A 214 -4.36 18.57 4.56
C ASN A 214 -3.57 19.62 5.34
N GLY A 215 -3.55 20.87 4.88
CA GLY A 215 -3.00 21.96 5.66
C GLY A 215 -1.59 22.39 5.31
N ASP A 216 -0.98 21.81 4.27
CA ASP A 216 0.34 22.22 3.81
C ASP A 216 0.16 23.35 2.79
N ARG A 217 0.50 24.58 3.18
CA ARG A 217 0.31 25.74 2.33
C ARG A 217 1.57 26.58 2.11
N TRP A 218 2.72 26.15 2.63
CA TRP A 218 3.91 26.99 2.61
C TRP A 218 4.42 27.28 1.20
N PHE A 219 4.06 26.45 0.22
CA PHE A 219 4.57 26.61 -1.14
C PHE A 219 3.68 27.50 -2.01
N LEU A 220 2.59 28.03 -1.47
CA LEU A 220 1.70 28.91 -2.22
C LEU A 220 2.30 30.31 -2.26
N ASN A 221 2.68 30.77 -3.44
CA ASN A 221 3.29 32.07 -3.61
C ASN A 221 2.26 33.09 -4.10
N ARG A 222 2.72 34.27 -4.50
CA ARG A 222 1.86 35.32 -5.02
C ARG A 222 1.79 35.33 -6.54
N PHE A 223 2.56 34.50 -7.22
CA PHE A 223 2.65 34.53 -8.66
C PHE A 223 1.49 33.80 -9.31
N THR A 224 1.24 34.13 -10.57
CA THR A 224 0.46 33.31 -11.47
C THR A 224 1.25 33.15 -12.76
N THR A 225 0.72 32.37 -13.69
CA THR A 225 1.40 32.13 -14.95
C THR A 225 0.35 31.81 -16.01
N THR A 226 0.83 31.51 -17.21
CA THR A 226 -0.02 31.04 -18.30
C THR A 226 0.37 29.62 -18.65
N LEU A 227 -0.51 28.96 -19.41
CA LEU A 227 -0.24 27.59 -19.82
C LEU A 227 1.04 27.50 -20.65
N ASN A 228 1.24 28.45 -21.56
CA ASN A 228 2.44 28.43 -22.40
C ASN A 228 3.70 28.70 -21.59
N ASP A 229 3.66 29.70 -20.70
CA ASP A 229 4.82 30.00 -19.88
C ASP A 229 5.18 28.86 -18.93
N PHE A 230 4.17 28.22 -18.34
CA PHE A 230 4.44 27.06 -17.50
C PHE A 230 5.05 25.92 -18.31
N ASN A 231 4.45 25.61 -19.45
CA ASN A 231 4.93 24.47 -20.25
C ASN A 231 6.33 24.70 -20.77
N LEU A 232 6.71 25.96 -21.01
CA LEU A 232 8.10 26.25 -21.36
C LEU A 232 9.05 25.77 -20.27
N VAL A 233 8.73 26.09 -19.02
CA VAL A 233 9.57 25.66 -17.89
C VAL A 233 9.44 24.16 -17.67
N ALA A 234 8.24 23.61 -17.86
CA ALA A 234 8.00 22.20 -17.56
C ALA A 234 8.77 21.28 -18.49
N MET A 235 8.81 21.61 -19.78
CA MET A 235 9.48 20.75 -20.75
C MET A 235 10.97 20.60 -20.47
N LYS A 236 11.58 21.57 -19.80
CA LYS A 236 13.00 21.48 -19.48
C LYS A 236 13.27 20.52 -18.33
N TYR A 237 12.31 20.35 -17.42
CA TYR A 237 12.45 19.43 -16.30
C TYR A 237 11.80 18.08 -16.58
N ASN A 238 11.60 17.74 -17.86
CA ASN A 238 11.05 16.45 -18.27
C ASN A 238 9.65 16.23 -17.69
N TYR A 239 8.81 17.26 -17.74
CA TYR A 239 7.42 17.17 -17.36
C TYR A 239 6.55 17.08 -18.61
N GLU A 240 5.53 16.23 -18.54
CA GLU A 240 4.52 16.18 -19.60
C GLU A 240 3.87 17.55 -19.74
N PRO A 241 3.64 18.01 -20.97
CA PRO A 241 2.99 19.31 -21.16
C PRO A 241 1.54 19.27 -20.70
N LEU A 242 1.11 20.35 -20.04
CA LEU A 242 -0.25 20.47 -19.54
C LEU A 242 -1.15 21.02 -20.64
N THR A 243 -2.33 20.41 -20.79
CA THR A 243 -3.31 20.84 -21.77
C THR A 243 -4.54 21.40 -21.08
N GLN A 244 -5.41 22.00 -21.89
CA GLN A 244 -6.66 22.55 -21.36
C GLN A 244 -7.54 21.47 -20.76
N ASP A 245 -7.52 20.26 -21.34
CA ASP A 245 -8.29 19.16 -20.78
C ASP A 245 -7.77 18.76 -19.40
N HIS A 246 -6.47 18.91 -19.16
CA HIS A 246 -5.94 18.65 -17.83
C HIS A 246 -6.45 19.69 -16.83
N VAL A 247 -6.54 20.96 -17.25
CA VAL A 247 -7.10 22.01 -16.40
C VAL A 247 -8.54 21.69 -16.02
N ASP A 248 -9.33 21.20 -16.98
CA ASP A 248 -10.74 20.91 -16.70
C ASP A 248 -10.89 19.79 -15.68
N ILE A 249 -10.06 18.76 -15.78
CA ILE A 249 -10.11 17.63 -14.84
C ILE A 249 -9.82 18.09 -13.42
N LEU A 250 -8.97 19.10 -13.25
CA LEU A 250 -8.62 19.61 -11.93
C LEU A 250 -9.63 20.62 -11.37
N GLY A 251 -10.70 20.90 -12.11
CA GLY A 251 -11.69 21.88 -11.71
C GLY A 251 -12.23 21.74 -10.29
N PRO A 252 -12.79 20.57 -9.96
CA PRO A 252 -13.39 20.41 -8.63
C PRO A 252 -12.39 20.52 -7.48
N LEU A 253 -11.15 20.07 -7.67
CA LEU A 253 -10.14 20.27 -6.64
C LEU A 253 -9.77 21.73 -6.49
N SER A 254 -9.73 22.46 -7.61
CA SER A 254 -9.50 23.89 -7.56
C SER A 254 -10.64 24.62 -6.86
N ALA A 255 -11.89 24.24 -7.18
CA ALA A 255 -13.04 24.88 -6.54
C ALA A 255 -13.07 24.59 -5.05
N GLN A 256 -12.74 23.36 -4.66
CA GLN A 256 -12.77 22.99 -3.25
C GLN A 256 -11.74 23.78 -2.44
N THR A 257 -10.54 23.96 -2.99
CA THR A 257 -9.48 24.66 -2.27
C THR A 257 -9.50 26.17 -2.50
N GLY A 258 -10.17 26.65 -3.54
CA GLY A 258 -10.13 28.06 -3.86
C GLY A 258 -8.83 28.55 -4.46
N ILE A 259 -8.04 27.66 -5.04
CA ILE A 259 -6.76 27.99 -5.66
C ILE A 259 -6.88 27.69 -7.15
N ALA A 260 -6.87 28.73 -7.98
CA ALA A 260 -6.96 28.54 -9.41
C ALA A 260 -5.83 27.66 -9.92
N VAL A 261 -6.13 26.86 -10.93
CA VAL A 261 -5.14 25.91 -11.44
C VAL A 261 -3.87 26.62 -11.89
N LEU A 262 -4.02 27.76 -12.58
CA LEU A 262 -2.85 28.47 -13.08
C LEU A 262 -2.04 29.09 -11.96
N ASP A 263 -2.67 29.41 -10.84
CA ASP A 263 -1.90 29.82 -9.66
C ASP A 263 -1.10 28.64 -9.10
N MET A 264 -1.71 27.45 -9.07
CA MET A 264 -0.97 26.27 -8.59
C MET A 264 0.18 25.92 -9.53
N CYS A 265 -0.01 26.13 -10.84
CA CYS A 265 1.09 25.96 -11.79
C CYS A 265 2.24 26.90 -11.49
N ALA A 266 1.94 28.13 -11.06
CA ALA A 266 3.01 29.06 -10.68
C ALA A 266 3.74 28.57 -9.44
N SER A 267 3.02 27.97 -8.49
CA SER A 267 3.68 27.41 -7.31
C SER A 267 4.54 26.21 -7.69
N LEU A 268 4.07 25.39 -8.64
CA LEU A 268 4.86 24.26 -9.10
C LEU A 268 6.11 24.72 -9.85
N LYS A 269 5.97 25.75 -10.68
CA LYS A 269 7.13 26.26 -11.43
C LYS A 269 8.23 26.74 -10.49
N GLU A 270 7.85 27.33 -9.34
CA GLU A 270 8.85 27.79 -8.39
C GLU A 270 9.50 26.63 -7.67
N LEU A 271 8.72 25.60 -7.31
CA LEU A 271 9.29 24.41 -6.70
C LEU A 271 10.26 23.72 -7.65
N LEU A 272 10.00 23.77 -8.95
CA LEU A 272 10.90 23.17 -9.93
C LEU A 272 12.23 23.92 -9.97
N GLN A 273 12.19 25.25 -10.07
CA GLN A 273 13.41 26.02 -10.24
C GLN A 273 14.17 26.16 -8.92
N ASN A 274 13.47 26.34 -7.81
CA ASN A 274 14.09 26.67 -6.53
C ASN A 274 14.16 25.52 -5.55
N GLY A 275 13.54 24.37 -5.84
CA GLY A 275 13.55 23.29 -4.86
C GLY A 275 12.61 23.60 -3.70
N MET A 276 12.68 22.73 -2.68
CA MET A 276 11.78 22.82 -1.54
C MET A 276 12.44 23.40 -0.30
N ASN A 277 13.73 23.74 -0.37
CA ASN A 277 14.41 24.52 0.67
C ASN A 277 14.29 23.87 2.05
N GLY A 278 14.45 22.55 2.10
CA GLY A 278 14.41 21.83 3.36
C GLY A 278 13.03 21.50 3.88
N ARG A 279 11.98 22.03 3.28
CA ARG A 279 10.63 21.67 3.68
C ARG A 279 10.20 20.40 2.97
N THR A 280 9.13 19.80 3.49
CA THR A 280 8.51 18.62 2.89
C THR A 280 7.06 18.91 2.56
N ILE A 281 6.52 18.16 1.59
CA ILE A 281 5.12 18.24 1.23
C ILE A 281 4.52 16.86 1.41
N LEU A 282 3.57 16.73 2.34
CA LEU A 282 2.92 15.46 2.65
C LEU A 282 3.95 14.38 2.95
N GLY A 283 4.98 14.76 3.71
CA GLY A 283 6.04 13.83 4.08
C GLY A 283 7.00 13.49 2.97
N SER A 284 6.98 14.18 1.84
CA SER A 284 7.83 13.84 0.72
C SER A 284 8.75 15.00 0.38
N ALA A 285 10.00 14.68 0.06
CA ALA A 285 10.97 15.66 -0.42
C ALA A 285 11.02 15.73 -1.94
N LEU A 286 10.27 14.87 -2.64
CA LEU A 286 10.15 14.91 -4.09
C LEU A 286 8.70 15.17 -4.48
N LEU A 287 8.51 15.60 -5.72
CA LEU A 287 7.17 15.85 -6.24
C LEU A 287 6.56 14.53 -6.73
N GLU A 288 5.43 14.17 -6.13
CA GLU A 288 4.81 12.87 -6.35
C GLU A 288 3.83 12.93 -7.53
N ASP A 289 3.96 11.96 -8.45
CA ASP A 289 3.11 11.94 -9.64
C ASP A 289 2.35 10.63 -9.80
N GLU A 290 2.16 9.86 -8.74
CA GLU A 290 1.41 8.61 -8.82
C GLU A 290 0.06 8.69 -8.09
N PHE A 291 -0.52 9.89 -8.01
CA PHE A 291 -1.89 10.09 -7.55
C PHE A 291 -2.66 10.83 -8.64
N THR A 292 -3.73 10.23 -9.15
CA THR A 292 -4.57 10.92 -10.12
C THR A 292 -5.51 11.90 -9.39
N PRO A 293 -6.10 12.85 -10.12
CA PRO A 293 -7.13 13.70 -9.48
C PRO A 293 -8.26 12.90 -8.85
N PHE A 294 -8.63 11.76 -9.45
CA PHE A 294 -9.67 10.92 -8.86
C PHE A 294 -9.15 10.22 -7.59
N ASP A 295 -7.88 9.82 -7.57
CA ASP A 295 -7.31 9.22 -6.36
C ASP A 295 -7.38 10.16 -5.18
N VAL A 296 -7.10 11.46 -5.40
CA VAL A 296 -7.11 12.43 -4.32
C VAL A 296 -8.51 12.58 -3.75
N VAL A 297 -9.48 12.83 -4.62
CA VAL A 297 -10.88 12.96 -4.19
C VAL A 297 -11.31 11.73 -3.40
N ARG A 298 -10.94 10.55 -3.91
CA ARG A 298 -11.33 9.30 -3.26
C ARG A 298 -10.78 9.20 -1.84
N GLN A 299 -9.48 9.46 -1.67
CA GLN A 299 -8.89 9.33 -0.35
C GLN A 299 -9.37 10.42 0.60
N CYS A 300 -9.51 11.64 0.09
CA CYS A 300 -9.86 12.79 0.93
C CYS A 300 -11.36 12.90 1.21
N SER A 301 -12.18 12.03 0.63
CA SER A 301 -13.61 12.05 0.90
C SER A 301 -14.13 10.72 1.44
N GLY A 302 -13.29 9.70 1.52
CA GLY A 302 -13.70 8.45 2.15
C GLY A 302 -14.54 7.54 1.30
N VAL A 303 -14.29 7.50 -0.01
CA VAL A 303 -15.03 6.60 -0.90
C VAL A 303 -14.74 5.16 -0.50
N THR A 304 -15.81 4.38 -0.33
CA THR A 304 -15.73 2.97 0.01
C THR A 304 -16.30 2.12 -1.13
N PHE A 305 -16.05 0.82 -1.04
CA PHE A 305 -16.47 -0.12 -2.07
C PHE A 305 -17.19 -1.30 -1.42
N GLN A 306 -17.97 -2.02 -2.23
CA GLN A 306 -18.75 -3.15 -1.76
C GLN A 306 -17.88 -4.25 -1.16
N SER B 1 13.47 -7.07 -8.91
CA SER B 1 13.92 -5.76 -8.48
C SER B 1 12.76 -4.81 -8.23
N GLY B 2 13.05 -3.70 -7.60
CA GLY B 2 12.04 -2.77 -7.14
C GLY B 2 11.86 -2.86 -5.63
N PHE B 3 11.36 -1.77 -5.05
CA PHE B 3 11.07 -1.74 -3.63
C PHE B 3 9.92 -0.77 -3.40
N ARG B 4 8.81 -1.27 -2.88
CA ARG B 4 7.61 -0.49 -2.70
C ARG B 4 7.17 -0.58 -1.25
N LYS B 5 6.38 0.41 -0.82
CA LYS B 5 5.76 0.37 0.50
C LYS B 5 4.58 -0.59 0.40
N MET B 6 4.82 -1.84 0.74
CA MET B 6 3.89 -2.93 0.49
C MET B 6 3.04 -3.22 1.73
N ALA B 7 1.75 -3.43 1.50
CA ALA B 7 0.84 -3.82 2.56
C ALA B 7 0.53 -5.32 2.46
N PHE B 8 0.06 -5.88 3.56
CA PHE B 8 -0.39 -7.27 3.53
C PHE B 8 -1.69 -7.38 2.75
N PRO B 9 -1.91 -8.51 2.07
CA PRO B 9 -3.23 -8.79 1.50
C PRO B 9 -4.30 -8.64 2.59
N SER B 10 -5.40 -7.98 2.25
CA SER B 10 -6.39 -7.58 3.24
C SER B 10 -7.61 -8.50 3.28
N GLY B 11 -7.63 -9.56 2.46
CA GLY B 11 -8.85 -10.35 2.31
C GLY B 11 -9.36 -10.95 3.61
N LYS B 12 -8.47 -11.50 4.44
CA LYS B 12 -8.89 -12.09 5.71
C LYS B 12 -9.49 -11.06 6.65
N VAL B 13 -9.13 -9.80 6.48
CA VAL B 13 -9.64 -8.76 7.39
C VAL B 13 -10.92 -8.11 6.86
N GLU B 14 -11.09 -8.03 5.54
CA GLU B 14 -12.28 -7.41 4.98
C GLU B 14 -13.55 -8.09 5.45
N GLY B 15 -13.51 -9.43 5.58
CA GLY B 15 -14.66 -10.20 5.99
C GLY B 15 -15.03 -10.06 7.45
N CYS B 16 -14.26 -9.32 8.24
CA CYS B 16 -14.53 -9.12 9.65
C CYS B 16 -15.09 -7.74 9.99
N MET B 17 -15.22 -6.85 9.01
CA MET B 17 -15.59 -5.47 9.27
C MET B 17 -17.10 -5.31 9.27
N VAL B 18 -17.63 -4.64 10.29
CA VAL B 18 -19.05 -4.36 10.41
C VAL B 18 -19.23 -2.91 10.81
N GLN B 19 -20.45 -2.42 10.64
CA GLN B 19 -20.84 -1.07 11.04
C GLN B 19 -21.55 -1.12 12.38
N VAL B 20 -21.12 -0.27 13.32
CA VAL B 20 -21.74 -0.18 14.64
C VAL B 20 -22.32 1.23 14.78
N THR B 21 -23.61 1.32 15.06
CA THR B 21 -24.31 2.58 15.26
C THR B 21 -24.92 2.60 16.65
N CYS B 22 -24.72 3.71 17.37
CA CYS B 22 -25.40 3.96 18.63
C CYS B 22 -26.00 5.36 18.54
N GLY B 23 -27.33 5.43 18.52
CA GLY B 23 -28.01 6.70 18.33
C GLY B 23 -27.70 7.31 16.98
N THR B 24 -27.01 8.45 16.97
CA THR B 24 -26.60 9.11 15.75
C THR B 24 -25.11 8.98 15.47
N THR B 25 -24.38 8.23 16.29
CA THR B 25 -22.93 8.07 16.15
C THR B 25 -22.62 6.70 15.54
N THR B 26 -21.83 6.70 14.47
CA THR B 26 -21.51 5.50 13.73
C THR B 26 -19.99 5.35 13.62
N LEU B 27 -19.52 4.11 13.69
CA LEU B 27 -18.11 3.81 13.43
C LEU B 27 -18.03 2.35 12.99
N ASN B 28 -16.80 1.85 12.87
CA ASN B 28 -16.58 0.47 12.42
C ASN B 28 -16.34 -0.45 13.60
N GLY B 29 -16.63 -1.73 13.39
CA GLY B 29 -16.36 -2.74 14.39
C GLY B 29 -15.67 -3.93 13.76
N LEU B 30 -15.01 -4.72 14.61
CA LEU B 30 -14.30 -5.92 14.20
C LEU B 30 -15.06 -7.14 14.71
N TRP B 31 -15.54 -7.96 13.78
CA TRP B 31 -16.43 -9.11 14.09
C TRP B 31 -15.60 -10.39 14.07
N LEU B 32 -15.30 -10.91 15.26
CA LEU B 32 -14.54 -12.15 15.43
C LEU B 32 -15.36 -13.12 16.25
N ASP B 33 -15.57 -14.32 15.70
CA ASP B 33 -16.51 -15.28 16.27
C ASP B 33 -17.85 -14.59 16.50
N ASP B 34 -18.37 -14.61 17.72
CA ASP B 34 -19.66 -13.99 18.02
C ASP B 34 -19.52 -12.71 18.83
N VAL B 35 -18.39 -12.02 18.69
CA VAL B 35 -18.11 -10.79 19.42
C VAL B 35 -17.72 -9.70 18.43
N VAL B 36 -18.27 -8.51 18.61
CA VAL B 36 -17.89 -7.34 17.82
C VAL B 36 -17.12 -6.38 18.72
N TYR B 37 -15.93 -6.00 18.30
CA TYR B 37 -15.09 -5.05 19.04
C TYR B 37 -15.12 -3.69 18.35
N CYS B 38 -15.24 -2.62 19.13
CA CYS B 38 -15.34 -1.28 18.59
C CYS B 38 -14.92 -0.28 19.65
N PRO B 39 -14.55 0.94 19.27
CA PRO B 39 -14.17 1.94 20.28
C PRO B 39 -15.38 2.34 21.10
N ARG B 40 -15.15 2.56 22.40
CA ARG B 40 -16.27 2.84 23.30
C ARG B 40 -16.88 4.22 23.07
N HIS B 41 -16.18 5.14 22.41
CA HIS B 41 -16.79 6.46 22.23
C HIS B 41 -17.95 6.45 21.23
N VAL B 42 -18.32 5.29 20.67
CA VAL B 42 -19.57 5.21 19.91
C VAL B 42 -20.77 5.61 20.77
N ILE B 43 -20.66 5.47 22.09
CA ILE B 43 -21.79 5.81 22.98
C ILE B 43 -21.84 7.30 23.31
N CYS B 44 -20.93 8.11 22.78
CA CYS B 44 -20.94 9.55 23.01
C CYS B 44 -21.75 10.26 21.96
N THR B 45 -22.46 11.31 22.38
CA THR B 45 -22.96 12.33 21.47
C THR B 45 -21.90 13.42 21.35
N SER B 46 -22.20 14.47 20.57
CA SER B 46 -21.26 15.58 20.44
C SER B 46 -21.02 16.25 21.79
N GLU B 47 -22.06 16.35 22.62
CA GLU B 47 -21.94 17.03 23.90
C GLU B 47 -21.12 16.24 24.92
N ASP B 48 -21.02 14.92 24.76
CA ASP B 48 -20.30 14.11 25.74
C ASP B 48 -18.80 14.09 25.53
N MET B 49 -18.31 14.59 24.39
CA MET B 49 -16.96 14.26 23.97
C MET B 49 -15.86 15.09 24.63
N LEU B 50 -16.21 16.21 25.26
CA LEU B 50 -15.17 17.01 25.93
C LEU B 50 -14.76 16.36 27.26
N ASN B 51 -15.74 15.97 28.07
CA ASN B 51 -15.47 15.28 29.35
C ASN B 51 -16.47 14.15 29.51
N PRO B 52 -16.28 13.04 28.82
CA PRO B 52 -17.22 11.93 28.91
C PRO B 52 -17.03 11.11 30.18
N ASN B 53 -18.15 10.75 30.79
CA ASN B 53 -18.17 9.79 31.89
C ASN B 53 -18.66 8.47 31.29
N TYR B 54 -17.70 7.63 30.87
CA TYR B 54 -18.06 6.42 30.12
C TYR B 54 -18.84 5.43 30.97
N GLU B 55 -18.49 5.30 32.25
CA GLU B 55 -19.22 4.40 33.14
C GLU B 55 -20.68 4.83 33.24
N ASP B 56 -20.92 6.11 33.51
CA ASP B 56 -22.29 6.59 33.61
C ASP B 56 -22.99 6.51 32.26
N LEU B 57 -22.29 6.86 31.18
CA LEU B 57 -22.90 6.79 29.86
C LEU B 57 -23.28 5.36 29.48
N LEU B 58 -22.48 4.38 29.90
CA LEU B 58 -22.76 3.01 29.52
C LEU B 58 -23.90 2.40 30.32
N ILE B 59 -24.09 2.85 31.56
CA ILE B 59 -25.16 2.26 32.38
C ILE B 59 -26.53 2.61 31.84
N ARG B 60 -26.64 3.71 31.09
CA ARG B 60 -27.91 4.13 30.52
C ARG B 60 -28.22 3.46 29.19
N LYS B 61 -27.35 2.59 28.69
CA LYS B 61 -27.52 1.93 27.42
C LYS B 61 -27.95 0.48 27.61
N SER B 62 -28.80 0.01 26.70
CA SER B 62 -29.21 -1.39 26.64
C SER B 62 -28.69 -2.01 25.36
N ASN B 63 -28.88 -3.33 25.25
CA ASN B 63 -28.42 -4.05 24.06
C ASN B 63 -29.05 -3.50 22.78
N HIS B 64 -30.32 -3.09 22.85
CA HIS B 64 -31.02 -2.62 21.66
C HIS B 64 -30.61 -1.20 21.23
N ASN B 65 -29.78 -0.52 22.02
CA ASN B 65 -29.24 0.77 21.61
C ASN B 65 -28.08 0.64 20.62
N PHE B 66 -27.63 -0.57 20.33
CA PHE B 66 -26.51 -0.80 19.42
C PHE B 66 -27.04 -1.46 18.15
N LEU B 67 -26.87 -0.77 17.02
CA LEU B 67 -27.23 -1.30 15.71
C LEU B 67 -25.96 -1.77 15.01
N VAL B 68 -25.89 -3.06 14.71
CA VAL B 68 -24.70 -3.68 14.12
C VAL B 68 -25.10 -4.29 12.79
N GLN B 69 -24.42 -3.88 11.72
CA GLN B 69 -24.74 -4.32 10.37
C GLN B 69 -23.52 -4.93 9.71
N ALA B 70 -23.70 -6.10 9.10
CA ALA B 70 -22.69 -6.76 8.29
C ALA B 70 -23.25 -6.80 6.87
N GLY B 71 -22.90 -5.79 6.08
CA GLY B 71 -23.56 -5.60 4.79
C GLY B 71 -25.01 -5.21 5.00
N ASN B 72 -25.93 -5.97 4.42
CA ASN B 72 -27.35 -5.76 4.69
C ASN B 72 -27.87 -6.62 5.83
N VAL B 73 -27.14 -7.66 6.21
CA VAL B 73 -27.56 -8.52 7.31
C VAL B 73 -27.36 -7.79 8.63
N GLN B 74 -28.43 -7.69 9.42
CA GLN B 74 -28.36 -7.09 10.74
C GLN B 74 -28.08 -8.17 11.78
N LEU B 75 -27.22 -7.85 12.73
CA LEU B 75 -26.87 -8.75 13.82
C LEU B 75 -27.42 -8.16 15.11
N ARG B 76 -28.22 -8.95 15.83
CA ARG B 76 -28.79 -8.46 17.07
C ARG B 76 -27.78 -8.61 18.21
N VAL B 77 -27.69 -7.59 19.05
CA VAL B 77 -26.75 -7.58 20.17
C VAL B 77 -27.42 -8.25 21.36
N ILE B 78 -26.78 -9.30 21.88
CA ILE B 78 -27.31 -10.06 23.00
C ILE B 78 -26.50 -9.86 24.27
N GLY B 79 -25.53 -8.95 24.26
CA GLY B 79 -24.72 -8.66 25.43
C GLY B 79 -23.69 -7.58 25.13
N HIS B 80 -23.29 -6.83 26.14
CA HIS B 80 -22.28 -5.79 25.95
C HIS B 80 -21.53 -5.56 27.25
N SER B 81 -20.24 -5.24 27.11
CA SER B 81 -19.42 -4.87 28.25
C SER B 81 -18.29 -3.98 27.74
N MET B 82 -17.64 -3.30 28.67
CA MET B 82 -16.52 -2.42 28.37
C MET B 82 -15.23 -3.01 28.92
N GLN B 83 -14.22 -3.09 28.06
CA GLN B 83 -12.88 -3.50 28.45
C GLN B 83 -11.94 -2.37 28.09
N ASN B 84 -11.49 -1.62 29.10
CA ASN B 84 -10.71 -0.41 28.89
C ASN B 84 -11.43 0.51 27.92
N CYS B 85 -10.79 0.87 26.80
CA CYS B 85 -11.36 1.83 25.86
C CYS B 85 -12.06 1.15 24.67
N VAL B 86 -12.40 -0.13 24.81
CA VAL B 86 -13.05 -0.90 23.76
C VAL B 86 -14.34 -1.49 24.31
N LEU B 87 -15.40 -1.44 23.51
CA LEU B 87 -16.63 -2.15 23.82
C LEU B 87 -16.60 -3.52 23.17
N LYS B 88 -17.18 -4.51 23.86
CA LYS B 88 -17.33 -5.86 23.35
C LYS B 88 -18.81 -6.18 23.26
N LEU B 89 -19.33 -6.30 22.04
CA LEU B 89 -20.75 -6.55 21.80
C LEU B 89 -20.93 -8.02 21.44
N LYS B 90 -21.58 -8.77 22.32
CA LYS B 90 -21.95 -10.15 22.04
C LYS B 90 -23.14 -10.15 21.07
N VAL B 91 -22.97 -10.78 19.92
CA VAL B 91 -24.01 -10.84 18.91
C VAL B 91 -24.50 -12.28 18.77
N ASP B 92 -25.62 -12.43 18.07
CA ASP B 92 -26.30 -13.72 17.95
C ASP B 92 -25.76 -14.61 16.82
N THR B 93 -24.90 -14.08 15.95
CA THR B 93 -24.36 -14.83 14.84
C THR B 93 -22.84 -14.81 14.93
N ALA B 94 -22.22 -15.98 14.87
CA ALA B 94 -20.78 -16.06 14.80
C ALA B 94 -20.32 -15.88 13.37
N ASN B 95 -19.28 -15.08 13.19
CA ASN B 95 -18.77 -14.77 11.85
C ASN B 95 -18.18 -16.02 11.21
N PRO B 96 -18.75 -16.53 10.11
CA PRO B 96 -18.20 -17.75 9.49
C PRO B 96 -16.86 -17.53 8.83
N LYS B 97 -16.54 -16.30 8.44
CA LYS B 97 -15.26 -15.96 7.85
C LYS B 97 -14.23 -15.52 8.88
N THR B 98 -14.39 -15.94 10.13
CA THR B 98 -13.43 -15.61 11.17
C THR B 98 -12.10 -16.30 10.89
N PRO B 99 -11.00 -15.58 10.74
CA PRO B 99 -9.71 -16.21 10.51
C PRO B 99 -9.07 -16.64 11.83
N LYS B 100 -8.06 -17.49 11.71
CA LYS B 100 -7.15 -17.68 12.84
C LYS B 100 -6.51 -16.34 13.15
N TYR B 101 -6.58 -15.93 14.42
CA TYR B 101 -6.16 -14.59 14.80
C TYR B 101 -5.52 -14.60 16.18
N LYS B 102 -4.73 -13.55 16.43
CA LYS B 102 -4.14 -13.26 17.73
C LYS B 102 -4.25 -11.77 17.98
N PHE B 103 -4.36 -11.39 19.25
CA PHE B 103 -4.26 -10.00 19.68
C PHE B 103 -2.85 -9.77 20.20
N VAL B 104 -2.16 -8.79 19.61
CA VAL B 104 -0.76 -8.51 19.94
C VAL B 104 -0.62 -7.03 20.21
N ARG B 105 0.20 -6.69 21.21
CA ARG B 105 0.56 -5.30 21.47
C ARG B 105 1.98 -5.09 20.95
N ILE B 106 2.11 -4.21 19.95
CA ILE B 106 3.39 -4.00 19.30
C ILE B 106 4.20 -2.95 20.03
N GLN B 107 5.45 -2.77 19.62
CA GLN B 107 6.36 -1.77 20.16
C GLN B 107 6.64 -0.71 19.11
N PRO B 108 7.13 0.46 19.51
CA PRO B 108 7.52 1.47 18.52
C PRO B 108 8.63 0.92 17.61
N GLY B 109 8.55 1.31 16.34
CA GLY B 109 9.45 0.82 15.34
C GLY B 109 8.91 -0.31 14.49
N GLN B 110 7.85 -0.97 14.96
CA GLN B 110 7.26 -2.07 14.22
C GLN B 110 6.22 -1.56 13.24
N THR B 111 6.04 -2.29 12.14
CA THR B 111 5.14 -1.89 11.06
C THR B 111 3.94 -2.83 11.00
N PHE B 112 2.88 -2.33 10.37
CA PHE B 112 1.66 -3.09 10.18
C PHE B 112 0.83 -2.42 9.10
N SER B 113 -0.13 -3.16 8.56
CA SER B 113 -1.04 -2.66 7.54
C SER B 113 -2.34 -2.20 8.19
N VAL B 114 -2.90 -1.11 7.66
CA VAL B 114 -4.18 -0.56 8.11
C VAL B 114 -5.20 -0.74 6.98
N LEU B 115 -6.33 -1.35 7.29
CA LEU B 115 -7.48 -1.38 6.39
C LEU B 115 -8.41 -0.27 6.82
N ALA B 116 -8.36 0.86 6.11
CA ALA B 116 -9.22 1.99 6.44
C ALA B 116 -10.65 1.69 6.00
N CYS B 117 -11.60 1.91 6.91
CA CYS B 117 -13.00 1.58 6.67
C CYS B 117 -13.91 2.75 7.06
N TYR B 118 -15.04 2.84 6.36
CA TYR B 118 -16.12 3.77 6.68
C TYR B 118 -17.44 3.05 6.52
N ASN B 119 -18.31 3.16 7.52
CA ASN B 119 -19.65 2.55 7.49
C ASN B 119 -19.55 1.03 7.30
N GLY B 120 -18.52 0.42 7.89
CA GLY B 120 -18.33 -1.01 7.78
C GLY B 120 -17.76 -1.50 6.46
N SER B 121 -17.43 -0.60 5.53
CA SER B 121 -16.93 -1.02 4.22
C SER B 121 -15.47 -0.58 4.04
N PRO B 122 -14.65 -1.41 3.40
CA PRO B 122 -13.23 -1.07 3.23
C PRO B 122 -13.04 0.05 2.21
N SER B 123 -12.22 1.02 2.56
CA SER B 123 -11.85 2.10 1.65
C SER B 123 -10.48 1.89 1.01
N GLY B 124 -9.51 1.38 1.76
CA GLY B 124 -8.18 1.19 1.23
C GLY B 124 -7.27 0.59 2.27
N VAL B 125 -6.11 0.13 1.80
CA VAL B 125 -5.14 -0.55 2.64
C VAL B 125 -3.78 0.13 2.44
N TYR B 126 -3.06 0.33 3.55
CA TYR B 126 -1.73 0.94 3.48
C TYR B 126 -0.89 0.51 4.67
N GLN B 127 0.41 0.72 4.54
CA GLN B 127 1.38 0.27 5.53
C GLN B 127 1.86 1.46 6.35
N CYS B 128 2.03 1.24 7.66
CA CYS B 128 2.40 2.27 8.63
CA CYS B 128 2.55 2.31 8.50
C CYS B 128 3.41 1.70 9.60
N ALA B 129 3.98 2.58 10.42
CA ALA B 129 4.84 2.20 11.52
C ALA B 129 4.37 2.89 12.79
N MET B 130 4.51 2.21 13.92
CA MET B 130 4.30 2.84 15.22
C MET B 130 5.46 3.78 15.52
N ARG B 131 5.18 5.08 15.59
CA ARG B 131 6.23 6.06 15.81
C ARG B 131 6.73 5.97 17.25
N PRO B 132 7.99 6.38 17.49
CA PRO B 132 8.53 6.31 18.86
C PRO B 132 7.72 7.07 19.90
N ASN B 133 6.93 8.06 19.49
CA ASN B 133 6.03 8.76 20.40
C ASN B 133 4.65 8.12 20.47
N PHE B 134 4.51 6.89 19.96
CA PHE B 134 3.31 6.07 20.09
C PHE B 134 2.12 6.64 19.29
N THR B 135 2.41 7.40 18.23
CA THR B 135 1.41 7.74 17.24
C THR B 135 1.72 7.00 15.95
N ILE B 136 0.80 7.13 14.99
CA ILE B 136 1.02 6.64 13.63
C ILE B 136 0.66 7.77 12.68
N LYS B 137 1.32 7.78 11.53
CA LYS B 137 1.05 8.77 10.49
C LYS B 137 0.13 8.08 9.48
N GLY B 138 -1.18 8.20 9.72
CA GLY B 138 -2.17 7.50 8.92
C GLY B 138 -2.90 8.42 7.96
N SER B 139 -3.98 7.87 7.40
CA SER B 139 -4.90 8.62 6.54
C SER B 139 -6.30 8.24 7.02
N PHE B 140 -6.91 9.10 7.81
CA PHE B 140 -8.17 8.80 8.46
C PHE B 140 -9.07 10.03 8.43
N LEU B 141 -10.36 9.80 8.17
CA LEU B 141 -11.38 10.83 8.22
C LEU B 141 -12.39 10.46 9.30
N ASN B 142 -13.30 11.40 9.59
CA ASN B 142 -14.43 11.09 10.45
C ASN B 142 -15.16 9.87 9.90
N GLY B 143 -15.55 8.97 10.79
CA GLY B 143 -16.15 7.71 10.42
C GLY B 143 -15.19 6.53 10.40
N SER B 144 -13.87 6.78 10.45
CA SER B 144 -12.90 5.70 10.30
C SER B 144 -12.55 5.01 11.61
N ALA B 145 -12.93 5.57 12.76
CA ALA B 145 -12.71 4.90 14.02
C ALA B 145 -13.21 3.47 13.97
N GLY B 146 -12.44 2.56 14.57
CA GLY B 146 -12.71 1.14 14.46
C GLY B 146 -11.95 0.44 13.37
N SER B 147 -11.34 1.17 12.45
CA SER B 147 -10.43 0.54 11.49
C SER B 147 -9.27 -0.08 12.24
N VAL B 148 -8.76 -1.20 11.73
CA VAL B 148 -7.77 -1.95 12.48
C VAL B 148 -6.47 -2.05 11.69
N GLY B 149 -5.39 -2.28 12.43
CA GLY B 149 -4.09 -2.56 11.87
C GLY B 149 -3.69 -3.99 12.17
N PHE B 150 -2.90 -4.60 11.29
CA PHE B 150 -2.70 -6.03 11.39
C PHE B 150 -1.41 -6.44 10.69
N ASN B 151 -0.93 -7.62 11.08
CA ASN B 151 0.14 -8.33 10.41
C ASN B 151 -0.33 -9.75 10.12
N ILE B 152 0.18 -10.34 9.05
CA ILE B 152 -0.14 -11.72 8.70
C ILE B 152 1.10 -12.58 8.94
N ASP B 153 0.92 -13.65 9.71
CA ASP B 153 2.01 -14.55 10.11
C ASP B 153 1.62 -15.96 9.70
N TYR B 154 2.12 -16.40 8.54
CA TYR B 154 1.78 -17.70 7.97
C TYR B 154 0.27 -17.78 7.74
N ASP B 155 -0.45 -18.40 8.67
CA ASP B 155 -1.90 -18.56 8.56
C ASP B 155 -2.67 -17.69 9.55
N CYS B 156 -1.99 -17.06 10.50
CA CYS B 156 -2.62 -16.37 11.62
C CYS B 156 -2.56 -14.86 11.40
N VAL B 157 -3.71 -14.20 11.51
CA VAL B 157 -3.76 -12.74 11.41
C VAL B 157 -3.54 -12.16 12.80
N SER B 158 -2.56 -11.26 12.93
CA SER B 158 -2.22 -10.65 14.21
C SER B 158 -2.75 -9.23 14.23
N PHE B 159 -3.84 -9.00 14.99
CA PHE B 159 -4.40 -7.66 15.15
C PHE B 159 -3.65 -6.89 16.22
N CYS B 160 -3.19 -5.68 15.88
CA CYS B 160 -2.37 -4.90 16.80
C CYS B 160 -2.86 -3.48 17.05
N TYR B 161 -3.83 -2.98 16.29
CA TYR B 161 -4.23 -1.59 16.39
C TYR B 161 -5.70 -1.47 16.04
N MET B 162 -6.41 -0.60 16.77
CA MET B 162 -7.74 -0.16 16.40
C MET B 162 -7.77 1.37 16.48
N HIS B 163 -8.21 2.02 15.40
CA HIS B 163 -8.13 3.47 15.35
C HIS B 163 -9.21 4.12 16.21
N HIS B 164 -8.84 5.21 16.87
CA HIS B 164 -9.76 5.98 17.71
C HIS B 164 -9.84 7.46 17.33
N MET B 165 -8.71 8.14 17.15
CA MET B 165 -8.76 9.59 17.12
C MET B 165 -7.57 10.17 16.37
N GLU B 166 -7.70 11.45 16.04
CA GLU B 166 -6.64 12.21 15.39
C GLU B 166 -6.20 13.34 16.30
N LEU B 167 -4.89 13.56 16.37
CA LEU B 167 -4.32 14.62 17.17
C LEU B 167 -4.16 15.89 16.34
N PRO B 168 -4.10 17.06 17.00
CA PRO B 168 -4.12 18.33 16.25
C PRO B 168 -2.98 18.50 15.26
N THR B 169 -1.95 17.66 15.28
CA THR B 169 -0.87 17.74 14.31
C THR B 169 -1.10 16.84 13.10
N GLY B 170 -2.28 16.25 12.96
CA GLY B 170 -2.54 15.38 11.83
C GLY B 170 -2.00 13.98 11.98
N VAL B 171 -1.61 13.58 13.19
CA VAL B 171 -1.17 12.23 13.47
C VAL B 171 -2.24 11.54 14.32
N HIS B 172 -2.17 10.22 14.38
CA HIS B 172 -3.30 9.40 14.82
C HIS B 172 -2.93 8.56 16.03
N ALA B 173 -3.95 8.23 16.82
CA ALA B 173 -3.78 7.48 18.06
C ALA B 173 -4.88 6.43 18.17
N GLY B 174 -4.55 5.31 18.81
CA GLY B 174 -5.48 4.22 18.97
C GLY B 174 -5.03 3.28 20.07
N THR B 175 -5.69 2.12 20.12
CA THR B 175 -5.48 1.12 21.17
C THR B 175 -5.09 -0.21 20.57
N ASP B 176 -4.59 -1.09 21.42
CA ASP B 176 -4.55 -2.51 21.06
C ASP B 176 -5.97 -3.07 21.13
N LEU B 177 -6.12 -4.35 20.81
CA LEU B 177 -7.46 -4.93 20.78
C LEU B 177 -7.98 -5.29 22.16
N GLU B 178 -7.21 -5.04 23.22
CA GLU B 178 -7.68 -5.15 24.58
C GLU B 178 -8.07 -3.80 25.17
N GLY B 179 -8.03 -2.74 24.36
CA GLY B 179 -8.56 -1.45 24.76
C GLY B 179 -7.56 -0.49 25.36
N ASN B 180 -6.29 -0.88 25.47
CA ASN B 180 -5.26 -0.04 26.08
C ASN B 180 -4.61 0.84 25.01
N PHE B 181 -4.62 2.15 25.25
CA PHE B 181 -4.04 3.08 24.29
C PHE B 181 -2.54 2.84 24.15
N TYR B 182 -2.05 3.04 22.93
CA TYR B 182 -0.63 3.25 22.71
C TYR B 182 -0.29 4.69 23.08
N GLY B 183 0.65 4.87 24.00
CA GLY B 183 1.03 6.19 24.43
C GLY B 183 0.13 6.75 25.53
N PRO B 184 0.37 8.00 25.92
CA PRO B 184 -0.32 8.56 27.09
C PRO B 184 -1.63 9.24 26.77
N PHE B 185 -2.32 8.78 25.72
CA PHE B 185 -3.51 9.47 25.24
C PHE B 185 -4.76 8.85 25.85
N VAL B 186 -5.83 9.67 25.89
CA VAL B 186 -7.13 9.26 26.38
C VAL B 186 -8.19 9.63 25.34
N ASP B 187 -9.30 8.90 25.36
CA ASP B 187 -10.35 9.09 24.33
C ASP B 187 -11.34 10.15 24.79
N ARG B 188 -10.88 11.39 24.76
CA ARG B 188 -11.73 12.56 24.96
C ARG B 188 -11.12 13.72 24.20
N GLN B 189 -11.97 14.66 23.80
CA GLN B 189 -11.55 15.75 22.92
C GLN B 189 -10.97 16.91 23.73
N THR B 190 -9.85 16.62 24.38
CA THR B 190 -9.04 17.59 25.10
C THR B 190 -7.72 17.83 24.36
N ALA B 191 -7.02 18.87 24.78
CA ALA B 191 -5.73 19.20 24.18
C ALA B 191 -4.70 18.17 24.63
N GLN B 192 -4.25 17.33 23.70
CA GLN B 192 -3.23 16.32 23.97
C GLN B 192 -2.13 16.48 22.94
N ALA B 193 -0.89 16.41 23.40
CA ALA B 193 0.27 16.67 22.57
C ALA B 193 1.13 15.42 22.44
N ALA B 194 1.62 15.17 21.23
CA ALA B 194 2.55 14.08 21.00
C ALA B 194 3.97 14.52 21.33
N GLY B 195 4.79 13.55 21.76
CA GLY B 195 6.17 13.83 22.06
C GLY B 195 7.02 13.92 20.81
N THR B 196 8.33 13.77 21.01
CA THR B 196 9.28 13.89 19.92
C THR B 196 9.18 12.69 18.99
N ASP B 197 9.09 12.96 17.68
CA ASP B 197 9.07 11.91 16.68
C ASP B 197 10.50 11.68 16.21
N THR B 198 11.18 10.74 16.85
CA THR B 198 12.56 10.42 16.49
C THR B 198 12.59 9.43 15.32
N THR B 199 13.71 9.46 14.59
CA THR B 199 13.89 8.56 13.46
C THR B 199 14.36 7.19 13.92
N ILE B 200 13.75 6.14 13.38
CA ILE B 200 14.01 4.76 13.76
C ILE B 200 15.26 4.30 13.01
N THR B 201 16.40 4.33 13.70
CA THR B 201 17.70 4.15 13.05
C THR B 201 17.84 2.75 12.48
N VAL B 202 17.42 1.71 13.22
CA VAL B 202 17.58 0.35 12.71
C VAL B 202 16.78 0.15 11.42
N ASN B 203 15.64 0.84 11.30
CA ASN B 203 14.84 0.75 10.07
C ASN B 203 15.53 1.45 8.90
N VAL B 204 16.14 2.61 9.15
CA VAL B 204 16.88 3.28 8.08
C VAL B 204 18.01 2.38 7.57
N LEU B 205 18.72 1.71 8.48
CA LEU B 205 19.80 0.82 8.08
C LEU B 205 19.28 -0.32 7.21
N ALA B 206 18.19 -0.98 7.64
CA ALA B 206 17.59 -2.03 6.83
C ALA B 206 17.16 -1.51 5.45
N TRP B 207 16.61 -0.29 5.41
CA TRP B 207 16.22 0.28 4.12
C TRP B 207 17.45 0.53 3.24
N LEU B 208 18.56 1.00 3.84
CA LEU B 208 19.80 1.15 3.08
C LEU B 208 20.30 -0.19 2.57
N TYR B 209 20.09 -1.27 3.33
CA TYR B 209 20.44 -2.59 2.83
C TYR B 209 19.53 -2.99 1.66
N ALA B 210 18.25 -2.62 1.72
CA ALA B 210 17.37 -2.86 0.58
C ALA B 210 17.88 -2.14 -0.65
N ALA B 211 18.41 -0.93 -0.48
CA ALA B 211 18.93 -0.17 -1.61
C ALA B 211 20.09 -0.89 -2.27
N VAL B 212 21.03 -1.39 -1.47
CA VAL B 212 22.17 -2.13 -2.01
C VAL B 212 21.67 -3.35 -2.79
N ILE B 213 20.79 -4.13 -2.17
CA ILE B 213 20.19 -5.30 -2.82
C ILE B 213 19.61 -4.93 -4.17
N ASN B 214 19.06 -3.73 -4.30
CA ASN B 214 18.44 -3.27 -5.54
C ASN B 214 19.38 -2.47 -6.44
N GLY B 215 20.69 -2.51 -6.19
CA GLY B 215 21.64 -1.89 -7.07
C GLY B 215 21.98 -0.44 -6.79
N ASP B 216 21.42 0.14 -5.73
CA ASP B 216 21.70 1.53 -5.36
C ASP B 216 22.85 1.51 -4.36
N ARG B 217 24.05 1.91 -4.80
CA ARG B 217 25.24 1.78 -3.97
C ARG B 217 26.10 3.05 -3.90
N TRP B 218 25.62 4.17 -4.48
CA TRP B 218 26.46 5.36 -4.57
C TRP B 218 26.87 5.90 -3.21
N PHE B 219 26.10 5.62 -2.16
CA PHE B 219 26.34 6.16 -0.83
C PHE B 219 27.33 5.34 -0.01
N LEU B 220 27.74 4.17 -0.49
CA LEU B 220 28.72 3.37 0.24
C LEU B 220 30.11 4.00 0.17
N ASN B 221 30.75 4.14 1.32
CA ASN B 221 32.13 4.60 1.38
C ASN B 221 33.02 3.52 2.00
N ARG B 222 34.32 3.76 1.96
CA ARG B 222 35.28 2.81 2.52
C ARG B 222 35.57 3.07 3.99
N PHE B 223 34.76 3.88 4.66
CA PHE B 223 34.95 4.21 6.06
C PHE B 223 34.24 3.21 6.95
N THR B 224 34.64 3.21 8.22
CA THR B 224 33.96 2.45 9.25
C THR B 224 33.82 3.37 10.47
N THR B 225 33.07 2.93 11.46
CA THR B 225 32.82 3.74 12.64
C THR B 225 32.53 2.82 13.81
N THR B 226 32.57 3.39 15.00
CA THR B 226 32.15 2.66 16.19
C THR B 226 30.73 3.03 16.56
N LEU B 227 30.08 2.15 17.32
CA LEU B 227 28.73 2.45 17.82
C LEU B 227 28.73 3.73 18.64
N ASN B 228 29.77 3.94 19.44
CA ASN B 228 29.85 5.15 20.27
C ASN B 228 29.88 6.41 19.42
N ASP B 229 30.76 6.45 18.42
CA ASP B 229 30.88 7.66 17.60
C ASP B 229 29.64 7.91 16.74
N PHE B 230 29.03 6.84 16.21
CA PHE B 230 27.79 6.99 15.46
C PHE B 230 26.69 7.56 16.34
N ASN B 231 26.56 7.03 17.56
CA ASN B 231 25.46 7.46 18.42
C ASN B 231 25.61 8.92 18.84
N LEU B 232 26.84 9.40 19.02
CA LEU B 232 27.04 10.82 19.32
C LEU B 232 26.53 11.68 18.17
N VAL B 233 26.77 11.28 16.93
CA VAL B 233 26.24 12.00 15.78
C VAL B 233 24.72 11.87 15.71
N ALA B 234 24.21 10.64 15.89
CA ALA B 234 22.80 10.37 15.65
C ALA B 234 21.91 11.09 16.66
N MET B 235 22.33 11.18 17.92
CA MET B 235 21.55 11.91 18.90
C MET B 235 21.42 13.38 18.55
N LYS B 236 22.35 13.92 17.75
CA LYS B 236 22.28 15.32 17.34
C LYS B 236 21.20 15.54 16.27
N TYR B 237 20.90 14.52 15.47
CA TYR B 237 19.89 14.62 14.42
C TYR B 237 18.57 13.95 14.80
N ASN B 238 18.32 13.74 16.09
CA ASN B 238 17.07 13.16 16.58
C ASN B 238 16.83 11.76 16.02
N TYR B 239 17.92 11.00 15.86
CA TYR B 239 17.87 9.58 15.57
C TYR B 239 17.96 8.79 16.88
N GLU B 240 17.34 7.62 16.89
CA GLU B 240 17.42 6.77 18.06
C GLU B 240 18.80 6.13 18.14
N PRO B 241 19.39 6.03 19.33
CA PRO B 241 20.71 5.41 19.44
C PRO B 241 20.64 3.92 19.14
N LEU B 242 21.74 3.41 18.59
CA LEU B 242 21.83 2.01 18.21
C LEU B 242 22.45 1.21 19.35
N THR B 243 21.90 0.03 19.60
CA THR B 243 22.44 -0.89 20.60
C THR B 243 23.00 -2.13 19.91
N GLN B 244 23.66 -2.97 20.71
CA GLN B 244 24.14 -4.24 20.21
C GLN B 244 22.98 -5.11 19.70
N ASP B 245 21.79 -4.97 20.28
CA ASP B 245 20.64 -5.74 19.83
C ASP B 245 20.27 -5.39 18.39
N HIS B 246 20.38 -4.11 18.02
CA HIS B 246 20.10 -3.72 16.65
C HIS B 246 21.15 -4.28 15.69
N VAL B 247 22.41 -4.33 16.13
CA VAL B 247 23.47 -4.92 15.31
C VAL B 247 23.18 -6.38 15.01
N ASP B 248 22.76 -7.13 16.05
CA ASP B 248 22.44 -8.54 15.85
C ASP B 248 21.28 -8.71 14.86
N ILE B 249 20.30 -7.81 14.92
CA ILE B 249 19.09 -7.95 14.11
C ILE B 249 19.40 -7.75 12.62
N LEU B 250 20.33 -6.85 12.31
CA LEU B 250 20.73 -6.61 10.93
C LEU B 250 21.70 -7.67 10.40
N GLY B 251 22.01 -8.70 11.19
CA GLY B 251 22.96 -9.72 10.83
C GLY B 251 22.76 -10.33 9.45
N PRO B 252 21.60 -10.95 9.20
CA PRO B 252 21.39 -11.60 7.89
C PRO B 252 21.44 -10.65 6.70
N LEU B 253 20.95 -9.42 6.84
CA LEU B 253 21.05 -8.47 5.73
C LEU B 253 22.50 -8.07 5.48
N SER B 254 23.26 -7.85 6.56
CA SER B 254 24.69 -7.58 6.41
C SER B 254 25.40 -8.74 5.73
N ALA B 255 25.04 -9.96 6.08
CA ALA B 255 25.71 -11.13 5.50
C ALA B 255 25.33 -11.32 4.04
N GLN B 256 24.09 -11.00 3.66
CA GLN B 256 23.68 -11.18 2.27
C GLN B 256 24.40 -10.19 1.35
N THR B 257 24.62 -8.96 1.82
CA THR B 257 25.18 -7.91 0.98
C THR B 257 26.71 -7.79 1.08
N GLY B 258 27.32 -8.39 2.11
CA GLY B 258 28.75 -8.24 2.31
C GLY B 258 29.19 -6.92 2.90
N ILE B 259 28.26 -6.11 3.40
CA ILE B 259 28.56 -4.83 4.03
C ILE B 259 28.33 -4.98 5.52
N ALA B 260 29.41 -4.85 6.30
CA ALA B 260 29.32 -4.96 7.74
C ALA B 260 28.47 -3.83 8.32
N VAL B 261 27.76 -4.13 9.41
CA VAL B 261 26.80 -3.18 9.97
C VAL B 261 27.46 -1.85 10.28
N LEU B 262 28.66 -1.87 10.85
CA LEU B 262 29.33 -0.62 11.20
C LEU B 262 29.91 0.11 9.99
N ASP B 263 30.15 -0.60 8.88
CA ASP B 263 30.44 0.10 7.63
C ASP B 263 29.21 0.84 7.13
N MET B 264 28.04 0.19 7.20
CA MET B 264 26.80 0.85 6.81
C MET B 264 26.47 2.02 7.74
N CYS B 265 26.84 1.93 9.02
CA CYS B 265 26.65 3.06 9.92
C CYS B 265 27.50 4.25 9.51
N ALA B 266 28.77 3.99 9.15
CA ALA B 266 29.63 5.05 8.64
C ALA B 266 29.01 5.71 7.40
N SER B 267 28.38 4.92 6.53
CA SER B 267 27.72 5.49 5.37
C SER B 267 26.54 6.36 5.79
N LEU B 268 25.74 5.88 6.74
CA LEU B 268 24.62 6.68 7.22
C LEU B 268 25.10 7.94 7.95
N LYS B 269 26.17 7.81 8.75
CA LYS B 269 26.71 8.97 9.45
C LYS B 269 27.10 10.08 8.47
N GLU B 270 27.66 9.70 7.32
CA GLU B 270 28.06 10.69 6.32
C GLU B 270 26.83 11.32 5.65
N LEU B 271 25.78 10.53 5.42
CA LEU B 271 24.56 11.09 4.83
C LEU B 271 23.88 12.10 5.76
N LEU B 272 24.06 11.95 7.07
CA LEU B 272 23.47 12.92 8.00
C LEU B 272 24.26 14.22 8.03
N GLN B 273 25.60 14.12 8.03
CA GLN B 273 26.45 15.30 8.13
C GLN B 273 26.52 16.10 6.84
N ASN B 274 26.28 15.47 5.69
CA ASN B 274 26.44 16.13 4.39
C ASN B 274 25.16 16.20 3.57
N GLY B 275 24.06 15.62 4.02
CA GLY B 275 22.88 15.53 3.19
C GLY B 275 23.09 14.60 2.01
N MET B 276 22.06 14.51 1.18
CA MET B 276 22.06 13.56 0.07
C MET B 276 22.46 14.17 -1.26
N ASN B 277 22.96 15.41 -1.26
CA ASN B 277 23.56 16.03 -2.44
C ASN B 277 22.59 16.12 -3.61
N GLY B 278 21.29 16.15 -3.34
CA GLY B 278 20.30 16.08 -4.39
C GLY B 278 20.06 14.70 -4.95
N ARG B 279 20.85 13.72 -4.56
CA ARG B 279 20.66 12.35 -5.02
C ARG B 279 19.44 11.72 -4.34
N THR B 280 18.99 10.61 -4.90
CA THR B 280 17.90 9.83 -4.34
C THR B 280 18.37 8.41 -4.05
N ILE B 281 17.64 7.74 -3.16
CA ILE B 281 17.90 6.35 -2.79
C ILE B 281 16.57 5.62 -2.86
N LEU B 282 16.50 4.58 -3.70
CA LEU B 282 15.26 3.83 -3.91
C LEU B 282 14.10 4.77 -4.22
N GLY B 283 14.37 5.78 -5.05
CA GLY B 283 13.34 6.72 -5.44
C GLY B 283 12.94 7.71 -4.37
N SER B 284 13.63 7.75 -3.24
CA SER B 284 13.30 8.68 -2.17
C SER B 284 14.42 9.69 -1.99
N ALA B 285 14.03 10.92 -1.66
CA ALA B 285 14.97 11.97 -1.30
C ALA B 285 15.10 12.14 0.21
N LEU B 286 14.41 11.32 1.00
CA LEU B 286 14.54 11.31 2.45
C LEU B 286 14.92 9.90 2.91
N LEU B 287 15.58 9.82 4.06
CA LEU B 287 15.92 8.54 4.64
C LEU B 287 14.68 7.89 5.24
N GLU B 288 14.30 6.72 4.73
CA GLU B 288 13.04 6.08 5.07
C GLU B 288 13.19 5.15 6.27
N ASP B 289 12.31 5.29 7.25
CA ASP B 289 12.42 4.52 8.50
C ASP B 289 11.16 3.70 8.79
N GLU B 290 10.31 3.42 7.81
CA GLU B 290 9.10 2.64 8.03
C GLU B 290 9.17 1.28 7.34
N PHE B 291 10.38 0.73 7.22
CA PHE B 291 10.58 -0.67 6.85
C PHE B 291 11.45 -1.31 7.92
N THR B 292 10.96 -2.38 8.54
CA THR B 292 11.78 -3.13 9.49
C THR B 292 12.75 -4.05 8.73
N PRO B 293 13.77 -4.58 9.42
CA PRO B 293 14.62 -5.59 8.75
C PRO B 293 13.83 -6.77 8.24
N PHE B 294 12.80 -7.21 8.96
CA PHE B 294 11.99 -8.33 8.48
C PHE B 294 11.17 -7.92 7.26
N ASP B 295 10.65 -6.68 7.24
CA ASP B 295 9.97 -6.18 6.04
C ASP B 295 10.85 -6.32 4.80
N VAL B 296 12.13 -5.95 4.93
CA VAL B 296 13.04 -5.98 3.78
C VAL B 296 13.25 -7.41 3.30
N VAL B 297 13.58 -8.33 4.22
CA VAL B 297 13.76 -9.73 3.85
C VAL B 297 12.50 -10.26 3.16
N ARG B 298 11.32 -9.95 3.72
CA ARG B 298 10.08 -10.48 3.20
C ARG B 298 9.82 -10.00 1.77
N GLN B 299 10.18 -8.76 1.46
CA GLN B 299 9.92 -8.25 0.12
C GLN B 299 10.97 -8.71 -0.88
N CYS B 300 12.24 -8.77 -0.47
CA CYS B 300 13.32 -9.13 -1.37
C CYS B 300 13.51 -10.64 -1.52
N SER B 301 12.72 -11.46 -0.82
CA SER B 301 12.80 -12.90 -0.99
C SER B 301 11.47 -13.54 -1.34
N GLY B 302 10.40 -12.75 -1.46
CA GLY B 302 9.13 -13.25 -1.95
C GLY B 302 8.35 -14.12 -0.97
N VAL B 303 8.25 -13.68 0.27
CA VAL B 303 7.54 -14.43 1.31
C VAL B 303 6.04 -14.25 1.11
N THR B 304 5.32 -15.36 1.00
CA THR B 304 3.89 -15.38 0.74
C THR B 304 3.13 -15.87 1.96
N PHE B 305 1.81 -15.67 1.93
CA PHE B 305 0.94 -16.03 3.04
C PHE B 305 -0.26 -16.83 2.54
N GLN B 306 -0.77 -17.69 3.40
CA GLN B 306 -1.95 -18.49 3.10
C GLN B 306 -3.24 -17.69 3.28
C ACE C 1 20.05 -6.71 -21.08
O ACE C 1 19.63 -5.87 -21.88
CH3 ACE C 1 21.31 -6.47 -20.28
N SER C 2 19.41 -7.86 -20.87
CA SER C 2 18.19 -8.21 -21.57
C SER C 2 16.99 -8.10 -20.62
N ALA C 3 15.80 -8.11 -21.21
CA ALA C 3 14.60 -8.34 -20.42
C ALA C 3 14.67 -9.74 -19.80
N VAL C 4 14.05 -9.88 -18.63
CA VAL C 4 14.01 -11.17 -17.95
C VAL C 4 12.55 -11.53 -17.70
N LEU C 5 12.14 -12.69 -18.20
CA LEU C 5 10.79 -13.19 -17.95
C LEU C 5 10.73 -13.75 -16.53
N GLN C 6 9.79 -13.26 -15.73
CA GLN C 6 9.82 -13.53 -14.29
C GLN C 6 8.87 -14.66 -13.90
N SER C 7 9.01 -15.79 -14.57
CA SER C 7 8.52 -17.06 -14.07
C SER C 7 9.50 -17.62 -13.04
N GLY C 8 9.06 -18.66 -12.33
CA GLY C 8 9.91 -19.35 -11.38
C GLY C 8 10.21 -20.76 -11.83
N PHE C 9 11.20 -21.40 -11.22
CA PHE C 9 11.55 -22.76 -11.61
C PHE C 9 11.63 -23.68 -10.39
N NH2 C 10 11.60 -24.98 -10.64
C ACE D 1 -6.70 21.13 19.96
O ACE D 1 -5.72 20.85 20.64
CH3 ACE D 1 -6.70 22.34 19.03
N SER D 2 -7.82 20.41 19.98
CA SER D 2 -7.95 19.21 20.78
C SER D 2 -7.79 17.96 19.93
N ALA D 3 -7.68 16.81 20.60
CA ALA D 3 -7.91 15.55 19.92
C ALA D 3 -9.33 15.52 19.38
N VAL D 4 -9.52 14.76 18.29
CA VAL D 4 -10.82 14.62 17.65
C VAL D 4 -11.11 13.13 17.51
N LEU D 5 -12.17 12.66 18.19
CA LEU D 5 -12.62 11.28 18.04
C LEU D 5 -13.28 11.10 16.68
N GLN D 6 -12.78 10.15 15.89
CA GLN D 6 -13.17 10.10 14.47
C GLN D 6 -14.28 9.08 14.22
N SER D 7 -15.31 9.16 15.05
CA SER D 7 -16.59 8.57 14.67
C SER D 7 -17.25 9.47 13.63
N GLY D 8 -18.38 9.01 13.10
CA GLY D 8 -19.12 9.75 12.09
C GLY D 8 -20.53 10.04 12.57
N PHE D 9 -21.24 10.81 11.75
CA PHE D 9 -22.64 11.13 12.02
C PHE D 9 -23.52 10.70 10.86
N NH2 D 10 -24.25 11.66 10.30
#